data_6K80
#
_entry.id   6K80
#
_cell.length_a   43.636
_cell.length_b   56.447
_cell.length_c   84.068
_cell.angle_alpha   90.000
_cell.angle_beta   90.000
_cell.angle_gamma   90.000
#
_symmetry.space_group_name_H-M   'P 21 21 21'
#
loop_
_entity.id
_entity.type
_entity.pdbx_description
1 polymer 'Dopamine N-acetyltransferase'
2 non-polymer 2-(1H-indol-3-yl)ethanol
3 non-polymer 'ACETYL COENZYME *A'
4 water water
#
_entity_poly.entity_id   1
_entity_poly.type   'polypeptide(L)'
_entity_poly.pdbx_seq_one_letter_code
;GSHMPYTIELIQPEDGEAVIAMLKTFFFKDEPLNTFLDLGECKELEKYSLKPLPDNCSYKAVNKKGEIIGVFLNGLMRRP
SPDDVPEKAADSCEHPKFKKILSLMDHVEEQFNIFDVYPDEELILDGKILSVDTNYRGLGIAGRLTERAYEYMRENGINV
YHVLCSSHYSARVMEKLGFHEVFRMQFADYKPQGEVVFKPAAPHVGIQVMAKEV
;
_entity_poly.pdbx_strand_id   A
#
# COMPACT_ATOMS: atom_id res chain seq x y z
N SER A 2 -20.68 -21.86 6.12
CA SER A 2 -20.51 -20.47 6.54
C SER A 2 -19.18 -19.91 6.05
N HIS A 3 -19.15 -18.59 5.85
CA HIS A 3 -17.92 -17.90 5.48
C HIS A 3 -17.26 -17.18 6.64
N MET A 4 -18.02 -16.81 7.64
CA MET A 4 -17.52 -16.16 8.84
C MET A 4 -17.45 -17.16 9.99
N PRO A 5 -16.54 -16.98 10.96
CA PRO A 5 -15.64 -15.83 11.07
C PRO A 5 -14.40 -15.96 10.20
N TYR A 6 -13.58 -14.92 10.22
CA TYR A 6 -12.30 -14.97 9.55
C TYR A 6 -11.20 -14.86 10.59
N THR A 7 -9.99 -15.21 10.17
CA THR A 7 -8.79 -15.03 10.97
C THR A 7 -7.86 -14.04 10.29
N ILE A 8 -6.92 -13.51 11.06
CA ILE A 8 -5.84 -12.70 10.52
C ILE A 8 -4.55 -13.47 10.76
N GLU A 9 -3.77 -13.71 9.71
CA GLU A 9 -2.62 -14.61 9.77
C GLU A 9 -1.44 -14.03 9.03
N LEU A 10 -0.24 -14.42 9.43
CA LEU A 10 0.95 -14.03 8.71
C LEU A 10 0.97 -14.67 7.33
N ILE A 11 1.29 -13.89 6.32
CA ILE A 11 1.46 -14.43 4.97
C ILE A 11 2.80 -15.14 4.88
N GLN A 12 2.77 -16.38 4.42
CA GLN A 12 3.89 -17.29 4.23
C GLN A 12 4.32 -17.28 2.77
N PRO A 13 5.59 -17.63 2.49
CA PRO A 13 6.04 -17.62 1.08
C PRO A 13 5.19 -18.50 0.18
N GLU A 14 4.72 -19.64 0.68
CA GLU A 14 3.91 -20.52 -0.15
C GLU A 14 2.53 -19.95 -0.45
N ASP A 15 2.17 -18.81 0.15
CA ASP A 15 0.90 -18.16 -0.13
C ASP A 15 0.95 -17.27 -1.35
N GLY A 16 2.10 -17.13 -2.00
CA GLY A 16 2.25 -16.13 -3.05
C GLY A 16 1.23 -16.26 -4.14
N GLU A 17 1.02 -17.48 -4.64
CA GLU A 17 0.05 -17.66 -5.73
C GLU A 17 -1.35 -17.25 -5.30
N ALA A 18 -1.76 -17.62 -4.07
CA ALA A 18 -3.10 -17.27 -3.60
C ALA A 18 -3.23 -15.77 -3.38
N VAL A 19 -2.16 -15.13 -2.92
CA VAL A 19 -2.20 -13.68 -2.75
C VAL A 19 -2.37 -12.99 -4.10
N ILE A 20 -1.59 -13.42 -5.11
CA ILE A 20 -1.72 -12.84 -6.44
C ILE A 20 -3.12 -13.07 -7.00
N ALA A 21 -3.68 -14.27 -6.79
CA ALA A 21 -5.01 -14.56 -7.31
C ALA A 21 -6.03 -13.62 -6.70
N MET A 22 -5.93 -13.37 -5.40
CA MET A 22 -6.86 -12.46 -4.74
C MET A 22 -6.67 -11.04 -5.24
N LEU A 23 -5.42 -10.57 -5.35
CA LEU A 23 -5.18 -9.21 -5.81
C LEU A 23 -5.64 -9.01 -7.25
N LYS A 24 -5.45 -10.02 -8.11
CA LYS A 24 -5.92 -9.90 -9.48
C LYS A 24 -7.43 -9.77 -9.54
N THR A 25 -8.15 -10.42 -8.63
CA THR A 25 -9.60 -10.32 -8.60
C THR A 25 -10.06 -8.95 -8.13
N PHE A 26 -9.40 -8.39 -7.11
CA PHE A 26 -9.84 -7.15 -6.49
C PHE A 26 -8.91 -5.98 -6.80
N PHE A 27 -7.83 -5.85 -6.04
CA PHE A 27 -6.94 -4.68 -6.10
C PHE A 27 -6.54 -4.27 -7.53
N PHE A 28 -6.14 -5.25 -8.36
CA PHE A 28 -5.71 -4.92 -9.73
C PHE A 28 -6.83 -4.26 -10.51
N LYS A 29 -8.08 -4.58 -10.18
CA LYS A 29 -9.26 -4.07 -10.86
C LYS A 29 -9.95 -2.92 -10.15
N ASP A 30 -9.71 -2.71 -8.86
CA ASP A 30 -10.55 -1.81 -8.11
C ASP A 30 -9.83 -0.82 -7.21
N GLU A 31 -8.51 -0.86 -7.14
CA GLU A 31 -7.84 0.30 -6.60
C GLU A 31 -8.01 1.47 -7.58
N PRO A 32 -8.29 2.68 -7.10
CA PRO A 32 -8.73 3.75 -8.03
C PRO A 32 -7.81 4.05 -9.19
N LEU A 33 -6.49 4.10 -8.99
CA LEU A 33 -5.60 4.39 -10.12
C LEU A 33 -5.53 3.22 -11.08
N ASN A 34 -5.48 1.99 -10.55
CA ASN A 34 -5.50 0.80 -11.40
C ASN A 34 -6.73 0.77 -12.27
N THR A 35 -7.91 1.05 -11.68
CA THR A 35 -9.11 1.01 -12.49
C THR A 35 -9.16 2.17 -13.47
N PHE A 36 -8.67 3.35 -13.09
CA PHE A 36 -8.63 4.47 -14.01
C PHE A 36 -7.80 4.14 -15.25
N LEU A 37 -6.65 3.48 -15.04
CA LEU A 37 -5.79 3.11 -16.15
C LEU A 37 -6.22 1.86 -16.88
N ASP A 38 -7.08 1.04 -16.27
CA ASP A 38 -7.39 -0.30 -16.79
C ASP A 38 -6.10 -1.11 -16.93
N LEU A 39 -5.56 -1.46 -15.76
CA LEU A 39 -4.22 -2.03 -15.67
C LEU A 39 -4.09 -3.31 -16.50
N GLY A 40 -5.10 -4.18 -16.45
CA GLY A 40 -5.04 -5.43 -17.20
C GLY A 40 -4.07 -6.42 -16.59
N GLU A 41 -3.51 -7.27 -17.44
CA GLU A 41 -2.43 -8.16 -17.01
C GLU A 41 -1.21 -7.32 -16.68
N CYS A 42 -0.60 -7.62 -15.54
CA CYS A 42 0.53 -6.80 -15.08
C CYS A 42 1.42 -7.69 -14.23
N LYS A 43 2.29 -8.45 -14.91
CA LYS A 43 3.22 -9.32 -14.21
C LYS A 43 4.14 -8.53 -13.28
N GLU A 44 4.46 -7.29 -13.65
CA GLU A 44 5.33 -6.47 -12.81
C GLU A 44 4.66 -6.09 -11.50
N LEU A 45 3.33 -5.87 -11.51
CA LEU A 45 2.64 -5.67 -10.24
C LEU A 45 2.56 -6.95 -9.44
N GLU A 46 2.42 -8.10 -10.10
CA GLU A 46 2.52 -9.37 -9.39
C GLU A 46 3.85 -9.47 -8.65
N LYS A 47 4.95 -9.15 -9.34
CA LYS A 47 6.26 -9.24 -8.71
C LYS A 47 6.42 -8.20 -7.60
N TYR A 48 5.91 -6.99 -7.83
CA TYR A 48 5.95 -5.95 -6.82
C TYR A 48 5.24 -6.39 -5.55
N SER A 49 4.11 -7.08 -5.69
CA SER A 49 3.31 -7.47 -4.53
C SER A 49 3.94 -8.60 -3.74
N LEU A 50 4.69 -9.47 -4.41
CA LEU A 50 5.35 -10.57 -3.71
C LEU A 50 6.62 -10.13 -3.01
N LYS A 51 7.24 -9.04 -3.46
CA LYS A 51 8.53 -8.60 -2.93
C LYS A 51 8.56 -8.43 -1.41
N PRO A 52 7.58 -7.79 -0.77
CA PRO A 52 7.70 -7.60 0.69
C PRO A 52 7.43 -8.84 1.51
N LEU A 53 6.88 -9.92 0.95
CA LEU A 53 6.50 -11.08 1.75
C LEU A 53 7.62 -11.62 2.63
N PRO A 54 8.87 -11.80 2.15
CA PRO A 54 9.93 -12.33 3.02
C PRO A 54 10.30 -11.42 4.18
N ASP A 55 9.84 -10.16 4.21
CA ASP A 55 10.01 -9.35 5.41
C ASP A 55 9.21 -9.89 6.60
N ASN A 56 8.27 -10.82 6.37
CA ASN A 56 7.57 -11.51 7.46
C ASN A 56 6.72 -10.56 8.31
N CYS A 57 6.09 -9.57 7.66
CA CYS A 57 5.18 -8.68 8.35
C CYS A 57 3.99 -8.30 7.48
N SER A 58 3.56 -9.19 6.59
CA SER A 58 2.36 -9.01 5.78
C SER A 58 1.28 -9.97 6.27
N TYR A 59 0.02 -9.52 6.21
CA TYR A 59 -1.07 -10.24 6.85
C TYR A 59 -2.21 -10.51 5.87
N LYS A 60 -2.84 -11.66 6.05
CA LYS A 60 -4.00 -12.06 5.26
C LYS A 60 -5.17 -12.28 6.19
N ALA A 61 -6.35 -11.87 5.73
CA ALA A 61 -7.61 -12.24 6.35
C ALA A 61 -8.15 -13.44 5.58
N VAL A 62 -8.51 -14.50 6.32
CA VAL A 62 -8.86 -15.78 5.74
C VAL A 62 -10.22 -16.18 6.28
N ASN A 63 -11.16 -16.50 5.39
CA ASN A 63 -12.51 -16.82 5.84
C ASN A 63 -12.59 -18.26 6.37
N LYS A 64 -13.78 -18.67 6.79
CA LYS A 64 -13.96 -19.97 7.42
C LYS A 64 -13.68 -21.13 6.46
N LYS A 65 -13.70 -20.88 5.16
CA LYS A 65 -13.40 -21.91 4.18
C LYS A 65 -11.93 -21.95 3.77
N GLY A 66 -11.10 -21.09 4.36
CA GLY A 66 -9.69 -21.06 4.00
C GLY A 66 -9.33 -20.14 2.86
N GLU A 67 -10.26 -19.32 2.39
CA GLU A 67 -10.00 -18.43 1.27
C GLU A 67 -9.51 -17.08 1.76
N ILE A 68 -8.52 -16.54 1.09
CA ILE A 68 -8.04 -15.20 1.42
C ILE A 68 -9.09 -14.17 1.01
N ILE A 69 -9.53 -13.37 1.98
CA ILE A 69 -10.53 -12.32 1.75
C ILE A 69 -9.95 -10.93 2.00
N GLY A 70 -8.69 -10.82 2.38
CA GLY A 70 -8.08 -9.52 2.50
C GLY A 70 -6.60 -9.68 2.71
N VAL A 71 -5.82 -8.67 2.31
CA VAL A 71 -4.40 -8.66 2.60
C VAL A 71 -3.97 -7.25 2.92
N PHE A 72 -2.95 -7.13 3.77
CA PHE A 72 -2.17 -5.91 3.91
C PHE A 72 -0.71 -6.32 3.80
N LEU A 73 -0.10 -5.99 2.68
CA LEU A 73 1.30 -6.33 2.42
C LEU A 73 2.16 -5.16 2.89
N ASN A 74 3.09 -5.45 3.81
CA ASN A 74 3.93 -4.44 4.44
C ASN A 74 5.39 -4.80 4.24
N GLY A 75 6.24 -3.80 4.18
CA GLY A 75 7.68 -4.02 4.18
C GLY A 75 8.34 -3.02 5.10
N LEU A 76 9.49 -3.42 5.65
CA LEU A 76 10.28 -2.47 6.41
C LEU A 76 11.02 -1.55 5.45
N MET A 77 11.03 -0.26 5.75
CA MET A 77 11.79 0.73 5.01
C MET A 77 12.89 1.25 5.92
N ARG A 78 14.06 1.48 5.36
CA ARG A 78 15.20 1.98 6.11
C ARG A 78 15.57 3.38 5.64
N ARG A 79 15.95 4.23 6.59
CA ARG A 79 16.43 5.57 6.30
C ARG A 79 17.53 5.48 5.23
N PRO A 80 17.48 6.30 4.18
CA PRO A 80 18.56 6.27 3.19
C PRO A 80 19.91 6.52 3.86
N SER A 81 20.92 5.79 3.41
CA SER A 81 22.24 5.96 3.97
C SER A 81 22.77 7.34 3.61
N PRO A 82 23.72 7.86 4.39
CA PRO A 82 24.28 9.18 4.05
C PRO A 82 24.82 9.26 2.64
N ASP A 83 25.28 8.14 2.08
CA ASP A 83 25.79 8.05 0.72
C ASP A 83 24.78 7.45 -0.25
N ASP A 84 23.49 7.72 -0.03
CA ASP A 84 22.47 7.01 -0.79
C ASP A 84 22.45 7.47 -2.24
N VAL A 85 22.22 6.52 -3.14
CA VAL A 85 21.98 6.82 -4.55
C VAL A 85 20.49 6.62 -4.80
N PRO A 86 19.68 7.68 -4.75
CA PRO A 86 18.23 7.53 -4.93
C PRO A 86 17.89 7.05 -6.34
N GLU A 87 17.18 5.94 -6.42
CA GLU A 87 16.77 5.33 -7.69
C GLU A 87 15.29 5.55 -7.90
N LYS A 88 14.91 5.75 -9.16
CA LYS A 88 13.50 5.83 -9.54
C LYS A 88 13.00 4.43 -9.83
N ALA A 89 11.94 4.01 -9.12
CA ALA A 89 11.36 2.69 -9.35
C ALA A 89 10.81 2.56 -10.77
N ALA A 90 10.33 3.66 -11.35
CA ALA A 90 9.75 3.60 -12.68
C ALA A 90 10.78 3.32 -13.77
N ASP A 91 12.07 3.49 -13.48
CA ASP A 91 13.10 3.24 -14.48
C ASP A 91 13.22 1.78 -14.87
N SER A 92 12.76 0.85 -14.02
CA SER A 92 12.91 -0.58 -14.26
C SER A 92 11.59 -1.26 -14.55
N CYS A 93 10.61 -0.53 -15.09
CA CYS A 93 9.28 -1.05 -15.35
C CYS A 93 8.96 -0.95 -16.83
N GLU A 94 8.64 -2.09 -17.45
CA GLU A 94 8.30 -2.11 -18.88
C GLU A 94 6.82 -1.88 -19.13
N HIS A 95 5.96 -2.26 -18.19
CA HIS A 95 4.51 -2.12 -18.33
C HIS A 95 4.16 -0.64 -18.32
N PRO A 96 3.62 -0.08 -19.42
CA PRO A 96 3.44 1.37 -19.46
C PRO A 96 2.48 1.92 -18.42
N LYS A 97 1.39 1.21 -18.15
CA LYS A 97 0.42 1.71 -17.18
C LYS A 97 0.97 1.63 -15.76
N PHE A 98 1.54 0.49 -15.40
CA PHE A 98 2.16 0.38 -14.08
C PHE A 98 3.29 1.39 -13.93
N LYS A 99 4.01 1.70 -15.00
CA LYS A 99 5.07 2.70 -14.92
C LYS A 99 4.51 4.05 -14.49
N LYS A 100 3.31 4.41 -14.94
CA LYS A 100 2.71 5.68 -14.53
C LYS A 100 2.47 5.71 -13.03
N ILE A 101 2.08 4.58 -12.45
CA ILE A 101 1.87 4.52 -11.00
C ILE A 101 3.21 4.57 -10.27
N LEU A 102 4.21 3.83 -10.77
CA LEU A 102 5.52 3.89 -10.15
C LEU A 102 6.12 5.29 -10.26
N SER A 103 5.87 5.97 -11.38
CA SER A 103 6.37 7.34 -11.54
C SER A 103 5.72 8.28 -10.55
N LEU A 104 4.43 8.08 -10.28
CA LEU A 104 3.76 8.86 -9.25
C LEU A 104 4.38 8.61 -7.88
N MET A 105 4.67 7.36 -7.56
CA MET A 105 5.33 7.06 -6.29
C MET A 105 6.70 7.71 -6.20
N ASP A 106 7.48 7.63 -7.29
CA ASP A 106 8.79 8.29 -7.33
C ASP A 106 8.64 9.79 -7.11
N HIS A 107 7.66 10.40 -7.75
CA HIS A 107 7.43 11.84 -7.60
C HIS A 107 7.13 12.19 -6.15
N VAL A 108 6.24 11.42 -5.50
CA VAL A 108 5.95 11.65 -4.09
C VAL A 108 7.22 11.59 -3.26
N GLU A 109 8.04 10.57 -3.49
CA GLU A 109 9.26 10.40 -2.71
C GLU A 109 10.27 11.51 -2.98
N GLU A 110 10.28 12.06 -4.20
CA GLU A 110 11.17 13.18 -4.50
C GLU A 110 10.71 14.45 -3.82
N GLN A 111 9.42 14.59 -3.56
CA GLN A 111 8.86 15.77 -2.92
C GLN A 111 8.79 15.64 -1.42
N PHE A 112 8.75 14.43 -0.89
CA PHE A 112 8.47 14.21 0.52
C PHE A 112 9.17 12.94 0.97
N ASN A 113 10.01 13.07 1.99
CA ASN A 113 10.75 11.95 2.58
C ASN A 113 10.22 11.73 3.99
N ILE A 114 9.51 10.60 4.20
CA ILE A 114 8.97 10.29 5.52
C ILE A 114 10.04 10.31 6.60
N PHE A 115 11.30 9.98 6.26
CA PHE A 115 12.36 9.98 7.24
C PHE A 115 12.71 11.37 7.73
N ASP A 116 12.37 12.42 6.96
CA ASP A 116 12.57 13.78 7.46
C ASP A 116 11.62 14.10 8.60
N VAL A 117 10.44 13.47 8.62
CA VAL A 117 9.46 13.73 9.66
C VAL A 117 9.92 13.15 10.98
N TYR A 118 10.66 12.04 10.93
CA TYR A 118 11.03 11.24 12.10
C TYR A 118 12.53 11.03 12.10
N PRO A 119 13.31 12.10 12.37
CA PRO A 119 14.78 12.01 12.26
C PRO A 119 15.41 10.94 13.13
N ASP A 120 14.77 10.56 14.24
CA ASP A 120 15.35 9.58 15.14
C ASP A 120 15.07 8.14 14.74
N GLU A 121 14.25 7.91 13.72
CA GLU A 121 13.86 6.55 13.34
C GLU A 121 14.74 6.05 12.22
N GLU A 122 15.23 4.82 12.36
CA GLU A 122 16.00 4.18 11.30
C GLU A 122 15.14 3.25 10.43
N LEU A 123 14.12 2.63 11.02
CA LEU A 123 13.25 1.70 10.32
C LEU A 123 11.80 2.09 10.56
N ILE A 124 11.02 2.11 9.49
CA ILE A 124 9.61 2.48 9.50
C ILE A 124 8.86 1.38 8.73
N LEU A 125 7.68 1.00 9.22
CA LEU A 125 6.88 0.01 8.51
C LEU A 125 6.12 0.70 7.38
N ASP A 126 6.16 0.12 6.19
CA ASP A 126 5.51 0.69 5.02
C ASP A 126 4.36 -0.24 4.60
N GLY A 127 3.13 0.27 4.66
CA GLY A 127 1.98 -0.48 4.18
C GLY A 127 1.78 -0.29 2.69
N LYS A 128 2.11 -1.33 1.92
CA LYS A 128 2.27 -1.20 0.48
C LYS A 128 1.02 -1.52 -0.33
N ILE A 129 0.27 -2.56 0.04
CA ILE A 129 -0.88 -3.04 -0.72
C ILE A 129 -1.95 -3.47 0.28
N LEU A 130 -3.10 -2.82 0.25
CA LEU A 130 -4.23 -3.13 1.12
C LEU A 130 -5.46 -3.40 0.25
N SER A 131 -6.08 -4.56 0.45
CA SER A 131 -7.18 -4.98 -0.42
C SER A 131 -8.08 -5.91 0.39
N VAL A 132 -9.39 -5.69 0.31
CA VAL A 132 -10.38 -6.56 0.96
C VAL A 132 -11.41 -6.96 -0.10
N ASP A 133 -11.77 -8.24 -0.10
CA ASP A 133 -12.82 -8.77 -0.98
C ASP A 133 -14.09 -7.94 -0.78
N THR A 134 -14.69 -7.54 -1.91
CA THR A 134 -15.89 -6.70 -1.92
C THR A 134 -16.99 -7.20 -0.97
N ASN A 135 -17.23 -8.51 -0.94
CA ASN A 135 -18.31 -9.04 -0.12
C ASN A 135 -18.01 -8.97 1.36
N TYR A 136 -16.78 -8.63 1.73
CA TYR A 136 -16.36 -8.55 3.12
C TYR A 136 -15.99 -7.14 3.52
N ARG A 137 -16.31 -6.14 2.69
CA ARG A 137 -15.98 -4.75 2.99
C ARG A 137 -16.96 -4.16 4.00
N GLY A 138 -16.51 -3.12 4.69
CA GLY A 138 -17.34 -2.47 5.67
C GLY A 138 -17.51 -3.23 6.95
N LEU A 139 -16.67 -4.22 7.20
CA LEU A 139 -16.73 -5.02 8.41
C LEU A 139 -15.58 -4.75 9.36
N GLY A 140 -14.66 -3.86 9.01
CA GLY A 140 -13.51 -3.60 9.84
C GLY A 140 -12.31 -4.48 9.54
N ILE A 141 -12.33 -5.24 8.44
CA ILE A 141 -11.19 -6.10 8.14
C ILE A 141 -9.91 -5.28 7.91
N ALA A 142 -10.02 -4.15 7.19
CA ALA A 142 -8.84 -3.31 7.00
C ALA A 142 -8.20 -2.95 8.34
N GLY A 143 -9.04 -2.57 9.31
CA GLY A 143 -8.52 -2.23 10.62
C GLY A 143 -7.89 -3.40 11.34
N ARG A 144 -8.48 -4.58 11.23
CA ARG A 144 -7.90 -5.74 11.88
C ARG A 144 -6.59 -6.17 11.23
N LEU A 145 -6.48 -6.03 9.90
CA LEU A 145 -5.19 -6.27 9.25
C LEU A 145 -4.15 -5.27 9.75
N THR A 146 -4.54 -3.99 9.84
CA THR A 146 -3.62 -2.95 10.30
C THR A 146 -3.19 -3.21 11.73
N GLU A 147 -4.13 -3.60 12.60
CA GLU A 147 -3.83 -3.85 14.01
C GLU A 147 -2.83 -4.97 14.18
N ARG A 148 -2.86 -5.99 13.32
CA ARG A 148 -1.88 -7.06 13.43
C ARG A 148 -0.47 -6.54 13.19
N ALA A 149 -0.32 -5.55 12.32
CA ALA A 149 1.00 -4.94 12.12
C ALA A 149 1.48 -4.20 13.37
N TYR A 150 0.56 -3.63 14.15
CA TYR A 150 0.99 -2.96 15.39
C TYR A 150 1.67 -3.94 16.32
N GLU A 151 1.19 -5.19 16.33
CA GLU A 151 1.81 -6.21 17.15
C GLU A 151 3.24 -6.45 16.70
N TYR A 152 3.45 -6.60 15.39
CA TYR A 152 4.79 -6.71 14.86
C TYR A 152 5.65 -5.52 15.24
N MET A 153 5.09 -4.32 15.14
CA MET A 153 5.85 -3.12 15.48
C MET A 153 6.26 -3.12 16.94
N ARG A 154 5.32 -3.44 17.83
CA ARG A 154 5.63 -3.47 19.27
C ARG A 154 6.70 -4.51 19.57
N GLU A 155 6.57 -5.71 19.00
CA GLU A 155 7.54 -6.77 19.25
C GLU A 155 8.95 -6.35 18.84
N ASN A 156 9.06 -5.47 17.86
CA ASN A 156 10.35 -5.12 17.26
C ASN A 156 10.79 -3.68 17.48
N GLY A 157 10.09 -2.92 18.32
CA GLY A 157 10.50 -1.55 18.58
C GLY A 157 10.41 -0.62 17.38
N ILE A 158 9.48 -0.87 16.46
CA ILE A 158 9.20 0.03 15.36
C ILE A 158 8.10 0.97 15.80
N ASN A 159 8.31 2.26 15.62
CA ASN A 159 7.37 3.26 16.11
C ASN A 159 6.43 3.80 15.06
N VAL A 160 6.82 3.84 13.79
CA VAL A 160 6.06 4.55 12.76
C VAL A 160 5.57 3.58 11.69
N TYR A 161 4.30 3.71 11.35
CA TYR A 161 3.67 3.00 10.24
C TYR A 161 3.28 4.04 9.20
N HIS A 162 3.77 3.87 7.98
CA HIS A 162 3.60 4.80 6.88
C HIS A 162 2.79 4.12 5.78
N VAL A 163 1.74 4.79 5.29
CA VAL A 163 0.85 4.24 4.26
C VAL A 163 0.55 5.33 3.22
N LEU A 164 1.05 5.14 2.01
CA LEU A 164 0.67 6.03 0.91
C LEU A 164 -0.69 5.62 0.37
N CYS A 165 -1.68 6.48 0.52
CA CYS A 165 -3.04 6.22 0.06
C CYS A 165 -3.30 6.89 -1.27
N SER A 166 -3.88 6.14 -2.21
CA SER A 166 -4.11 6.61 -3.57
C SER A 166 -5.44 7.33 -3.74
N SER A 167 -6.21 7.50 -2.67
CA SER A 167 -7.48 8.21 -2.76
C SER A 167 -7.84 8.73 -1.39
N HIS A 168 -8.55 9.85 -1.34
CA HIS A 168 -9.10 10.30 -0.06
C HIS A 168 -9.99 9.23 0.57
N TYR A 169 -10.61 8.37 -0.23
CA TYR A 169 -11.43 7.30 0.32
C TYR A 169 -10.62 6.39 1.23
N SER A 170 -9.41 5.98 0.78
CA SER A 170 -8.59 5.11 1.62
C SER A 170 -7.91 5.88 2.74
N ALA A 171 -7.55 7.15 2.50
CA ALA A 171 -6.98 7.96 3.58
C ALA A 171 -7.97 8.08 4.74
N ARG A 172 -9.25 8.24 4.42
CA ARG A 172 -10.27 8.32 5.46
C ARG A 172 -10.35 7.05 6.29
N VAL A 173 -10.17 5.88 5.65
CA VAL A 173 -10.10 4.64 6.41
C VAL A 173 -8.94 4.67 7.39
N MET A 174 -7.76 5.10 6.92
CA MET A 174 -6.61 5.15 7.80
C MET A 174 -6.80 6.16 8.92
N GLU A 175 -7.48 7.29 8.64
CA GLU A 175 -7.78 8.25 9.69
C GLU A 175 -8.63 7.63 10.80
N LYS A 176 -9.63 6.84 10.42
CA LYS A 176 -10.44 6.15 11.42
C LYS A 176 -9.59 5.24 12.28
N LEU A 177 -8.55 4.65 11.70
CA LEU A 177 -7.64 3.77 12.40
C LEU A 177 -6.57 4.52 13.19
N GLY A 178 -6.62 5.85 13.23
CA GLY A 178 -5.69 6.63 14.03
C GLY A 178 -4.47 7.18 13.31
N PHE A 179 -4.43 7.08 11.98
CA PHE A 179 -3.37 7.68 11.20
C PHE A 179 -3.70 9.15 10.93
N HIS A 180 -2.67 9.93 10.61
CA HIS A 180 -2.87 11.32 10.20
C HIS A 180 -2.07 11.59 8.94
N GLU A 181 -2.57 12.53 8.15
CA GLU A 181 -1.86 12.97 6.95
C GLU A 181 -0.50 13.56 7.30
N VAL A 182 0.50 13.20 6.50
CA VAL A 182 1.80 13.84 6.56
C VAL A 182 2.21 14.50 5.24
N PHE A 183 1.52 14.22 4.15
CA PHE A 183 1.80 14.85 2.86
C PHE A 183 0.58 14.58 1.98
N ARG A 184 0.27 15.51 1.07
CA ARG A 184 -0.80 15.31 0.12
C ARG A 184 -0.44 15.94 -1.21
N MET A 185 -1.08 15.45 -2.27
CA MET A 185 -0.92 16.04 -3.59
C MET A 185 -2.17 15.73 -4.41
N GLN A 186 -2.84 16.77 -4.88
CA GLN A 186 -4.01 16.58 -5.71
C GLN A 186 -3.61 16.02 -7.07
N PHE A 187 -4.44 15.13 -7.60
CA PHE A 187 -4.21 14.67 -8.97
C PHE A 187 -4.20 15.82 -9.96
N ALA A 188 -5.01 16.86 -9.72
CA ALA A 188 -5.05 18.01 -10.63
C ALA A 188 -3.75 18.79 -10.63
N ASP A 189 -2.90 18.62 -9.61
CA ASP A 189 -1.63 19.30 -9.50
C ASP A 189 -0.44 18.41 -9.87
N TYR A 190 -0.67 17.14 -10.18
CA TYR A 190 0.41 16.23 -10.56
C TYR A 190 0.59 16.31 -12.06
N LYS A 191 1.55 17.12 -12.49
CA LYS A 191 1.83 17.37 -13.91
C LYS A 191 3.31 17.18 -14.17
N PRO A 192 3.79 15.94 -14.12
CA PRO A 192 5.24 15.71 -14.22
C PRO A 192 5.87 16.23 -15.51
N GLN A 193 5.17 16.09 -16.64
CA GLN A 193 5.62 16.61 -17.92
C GLN A 193 4.74 17.76 -18.40
N GLY A 194 4.20 18.54 -17.45
CA GLY A 194 3.40 19.70 -17.77
C GLY A 194 1.91 19.46 -17.88
N GLU A 195 1.47 18.20 -17.91
CA GLU A 195 0.07 17.88 -18.10
C GLU A 195 -0.40 16.88 -17.06
N VAL A 196 -1.70 16.92 -16.77
CA VAL A 196 -2.30 16.00 -15.82
C VAL A 196 -2.22 14.58 -16.35
N VAL A 197 -1.85 13.64 -15.47
CA VAL A 197 -1.78 12.23 -15.80
C VAL A 197 -3.02 11.47 -15.36
N PHE A 198 -3.47 11.71 -14.12
CA PHE A 198 -4.57 10.96 -13.53
C PHE A 198 -5.77 11.88 -13.35
N LYS A 199 -6.92 11.46 -13.90
CA LYS A 199 -8.18 12.20 -13.79
C LYS A 199 -9.30 11.26 -13.32
N PRO A 200 -9.16 10.65 -12.15
CA PRO A 200 -10.29 9.87 -11.63
C PRO A 200 -11.38 10.79 -11.13
N ALA A 201 -12.48 10.22 -10.67
CA ALA A 201 -13.60 11.01 -10.20
C ALA A 201 -13.20 11.97 -9.09
N ALA A 202 -13.92 13.08 -9.03
CA ALA A 202 -13.62 14.17 -8.09
C ALA A 202 -13.45 13.73 -6.64
N PRO A 203 -14.23 12.79 -6.07
CA PRO A 203 -14.05 12.47 -4.65
C PRO A 203 -12.68 11.89 -4.30
N HIS A 204 -11.94 11.34 -5.24
CA HIS A 204 -10.63 10.77 -4.90
C HIS A 204 -9.63 11.84 -4.50
N VAL A 205 -9.64 12.97 -5.22
CA VAL A 205 -8.85 14.18 -4.98
C VAL A 205 -7.37 13.99 -5.32
N GLY A 206 -6.72 13.03 -4.69
CA GLY A 206 -5.29 12.88 -4.88
C GLY A 206 -4.75 11.88 -3.88
N ILE A 207 -3.43 11.87 -3.76
CA ILE A 207 -2.77 11.00 -2.80
C ILE A 207 -2.62 11.71 -1.47
N GLN A 208 -2.68 10.92 -0.40
CA GLN A 208 -2.34 11.37 0.95
C GLN A 208 -1.43 10.32 1.55
N VAL A 209 -0.24 10.74 1.98
CA VAL A 209 0.60 9.87 2.79
C VAL A 209 0.12 9.97 4.24
N MET A 210 -0.17 8.82 4.84
CA MET A 210 -0.71 8.74 6.19
C MET A 210 0.31 8.10 7.09
N ALA A 211 0.38 8.54 8.33
CA ALA A 211 1.32 7.96 9.26
C ALA A 211 0.66 7.80 10.62
N LYS A 212 1.12 6.80 11.35
CA LYS A 212 0.73 6.59 12.73
C LYS A 212 1.96 6.25 13.54
N GLU A 213 2.05 6.81 14.73
CA GLU A 213 3.06 6.42 15.70
C GLU A 213 2.39 5.53 16.74
N VAL A 214 2.91 4.32 16.88
CA VAL A 214 2.29 3.30 17.70
C VAL A 214 3.11 3.10 18.94
#